data_8F8V
#
_entry.id   8F8V
#
_cell.length_a   59.310
_cell.length_b   95.081
_cell.length_c   110.372
_cell.angle_alpha   90.000
_cell.angle_beta   90.000
_cell.angle_gamma   90.000
#
_symmetry.space_group_name_H-M   'I 2 2 2'
#
loop_
_entity.id
_entity.type
_entity.pdbx_description
1 polymer Nb.X0
2 water water
#
_entity_poly.entity_id   1
_entity_poly.type   'polypeptide(L)'
_entity_poly.pdbx_seq_one_letter_code
;QVQLQESGGGLVQAGGSLRLSCAASPGISRYKTMGWYRQAPGKERSFVAAITWGGLTYYADSVKGRFTVSRDNAKNTVYL
QMNSLKPEDTAVYYCSVDGGTRADPYHYYWGQGTQVTVSS
;
_entity_poly.pdbx_strand_id   A,B
#
# COMPACT_ATOMS: atom_id res chain seq x y z
N GLN A 1 -14.63 -17.99 -15.34
CA GLN A 1 -14.25 -16.80 -16.09
C GLN A 1 -13.49 -15.80 -15.22
N VAL A 2 -12.66 -14.99 -15.87
CA VAL A 2 -11.92 -13.93 -15.21
C VAL A 2 -12.77 -12.66 -15.24
N GLN A 3 -12.97 -12.04 -14.06
CA GLN A 3 -13.80 -10.85 -13.97
C GLN A 3 -13.19 -9.82 -13.03
N LEU A 4 -13.16 -8.58 -13.49
CA LEU A 4 -13.02 -7.39 -12.67
C LEU A 4 -14.30 -6.59 -12.80
N GLN A 5 -14.82 -6.09 -11.68
CA GLN A 5 -16.12 -5.43 -11.64
C GLN A 5 -15.99 -4.13 -10.86
N GLU A 6 -16.15 -2.98 -11.53
CA GLU A 6 -16.02 -1.68 -10.90
C GLU A 6 -17.36 -1.04 -10.56
N SER A 7 -17.30 -0.08 -9.64
CA SER A 7 -18.43 0.81 -9.36
C SER A 7 -17.91 2.07 -8.69
N GLY A 8 -18.81 3.03 -8.52
CA GLY A 8 -18.55 4.23 -7.74
C GLY A 8 -18.46 5.50 -8.54
N GLY A 9 -18.45 5.43 -9.86
CA GLY A 9 -18.34 6.63 -10.66
C GLY A 9 -19.54 7.55 -10.51
N GLY A 10 -19.54 8.66 -11.23
CA GLY A 10 -20.69 9.52 -11.24
C GLY A 10 -20.31 10.91 -11.71
N LEU A 11 -21.24 11.83 -11.47
CA LEU A 11 -21.10 13.23 -11.83
C LEU A 11 -21.01 14.05 -10.55
N VAL A 12 -20.02 14.94 -10.47
CA VAL A 12 -19.71 15.60 -9.21
C VAL A 12 -19.17 16.99 -9.52
N GLN A 13 -19.40 17.93 -8.62
CA GLN A 13 -18.86 19.26 -8.84
C GLN A 13 -17.36 19.28 -8.55
N ALA A 14 -16.65 20.16 -9.25
CA ALA A 14 -15.23 20.34 -9.01
C ALA A 14 -14.96 20.65 -7.55
N GLY A 15 -13.88 20.07 -7.03
CA GLY A 15 -13.58 20.12 -5.61
C GLY A 15 -14.18 18.98 -4.80
N GLY A 16 -15.14 18.25 -5.35
CA GLY A 16 -15.78 17.16 -4.66
C GLY A 16 -14.91 15.90 -4.65
N SER A 17 -15.53 14.82 -4.21
CA SER A 17 -14.88 13.54 -4.04
C SER A 17 -15.77 12.44 -4.58
N LEU A 18 -15.13 11.33 -4.93
CA LEU A 18 -15.79 10.10 -5.31
C LEU A 18 -14.94 8.97 -4.77
N ARG A 19 -15.52 7.78 -4.71
CA ARG A 19 -14.77 6.58 -4.33
C ARG A 19 -15.13 5.47 -5.28
N LEU A 20 -14.14 4.99 -6.02
CA LEU A 20 -14.32 3.86 -6.92
C LEU A 20 -13.92 2.59 -6.18
N SER A 21 -14.62 1.51 -6.47
CA SER A 21 -14.29 0.21 -5.93
C SER A 21 -14.28 -0.82 -7.05
N CYS A 22 -13.46 -1.85 -6.88
CA CYS A 22 -13.30 -2.88 -7.91
C CYS A 22 -13.11 -4.23 -7.22
N ALA A 23 -13.89 -5.23 -7.61
CA ALA A 23 -13.79 -6.57 -7.07
C ALA A 23 -13.25 -7.50 -8.15
N ALA A 24 -12.31 -8.36 -7.77
CA ALA A 24 -11.55 -9.17 -8.71
C ALA A 24 -11.86 -10.65 -8.50
N SER A 25 -11.80 -11.40 -9.61
CA SER A 25 -11.94 -12.85 -9.68
C SER A 25 -11.09 -13.51 -8.59
N PRO A 26 -11.50 -14.66 -8.04
CA PRO A 26 -10.89 -15.18 -6.82
C PRO A 26 -9.36 -15.39 -6.90
N GLY A 27 -8.80 -15.64 -8.09
CA GLY A 27 -7.39 -15.97 -8.22
C GLY A 27 -6.50 -15.06 -9.06
N ILE A 28 -7.04 -14.17 -9.90
CA ILE A 28 -6.18 -13.34 -10.76
C ILE A 28 -5.47 -12.19 -10.05
N SER A 29 -5.87 -11.86 -8.82
CA SER A 29 -5.28 -10.74 -8.11
C SER A 29 -4.38 -11.11 -6.94
N ARG A 30 -4.50 -12.31 -6.37
CA ARG A 30 -3.69 -12.63 -5.20
C ARG A 30 -2.20 -12.67 -5.55
N TYR A 31 -1.38 -12.06 -4.70
CA TYR A 31 0.07 -11.90 -4.88
C TYR A 31 0.41 -10.99 -6.03
N LYS A 32 -0.55 -10.24 -6.56
CA LYS A 32 -0.30 -9.41 -7.72
C LYS A 32 -0.72 -7.99 -7.44
N THR A 33 -0.27 -7.08 -8.29
CA THR A 33 -0.56 -5.66 -8.13
C THR A 33 -1.90 -5.33 -8.77
N MET A 34 -2.69 -4.50 -8.11
CA MET A 34 -3.95 -4.03 -8.67
C MET A 34 -3.86 -2.53 -8.94
N GLY A 35 -4.52 -2.08 -10.01
CA GLY A 35 -4.29 -0.73 -10.50
C GLY A 35 -5.56 -0.08 -11.03
N TRP A 36 -5.44 1.23 -11.28
CA TRP A 36 -6.48 2.05 -11.87
C TRP A 36 -5.89 2.81 -13.04
N TYR A 37 -6.65 2.85 -14.15
CA TYR A 37 -6.32 3.59 -15.36
C TYR A 37 -7.52 4.43 -15.75
N ARG A 38 -7.32 5.41 -16.63
CA ARG A 38 -8.42 6.25 -17.06
C ARG A 38 -8.27 6.60 -18.53
N GLN A 39 -9.38 6.90 -19.17
CA GLN A 39 -9.36 7.18 -20.60
C GLN A 39 -10.44 8.20 -20.93
N ALA A 40 -10.04 9.33 -21.37
CA ALA A 40 -10.91 10.39 -21.86
C ALA A 40 -11.14 10.25 -23.36
N PRO A 41 -12.25 10.74 -23.91
CA PRO A 41 -12.53 10.50 -25.34
C PRO A 41 -11.42 11.04 -26.21
N GLY A 42 -11.03 10.24 -27.20
CA GLY A 42 -9.97 10.64 -28.10
C GLY A 42 -8.57 10.57 -27.53
N LYS A 43 -8.41 10.03 -26.32
CA LYS A 43 -7.08 9.92 -25.72
C LYS A 43 -6.76 8.47 -25.42
N GLU A 44 -5.48 8.18 -25.26
CA GLU A 44 -5.05 6.84 -24.93
C GLU A 44 -5.30 6.57 -23.44
N ARG A 45 -5.44 5.30 -23.11
CA ARG A 45 -5.66 4.90 -21.73
C ARG A 45 -4.38 5.13 -20.93
N SER A 46 -4.46 5.76 -19.76
CA SER A 46 -3.25 6.14 -19.03
C SER A 46 -3.35 5.77 -17.55
N PHE A 47 -2.17 5.56 -16.94
CA PHE A 47 -2.07 5.12 -15.55
C PHE A 47 -2.62 6.16 -14.59
N VAL A 48 -3.26 5.70 -13.50
CA VAL A 48 -3.72 6.56 -12.41
C VAL A 48 -3.06 6.17 -11.09
N ALA A 49 -3.15 4.89 -10.69
CA ALA A 49 -2.66 4.48 -9.38
C ALA A 49 -2.57 2.96 -9.32
N ALA A 50 -1.69 2.46 -8.44
CA ALA A 50 -1.57 1.02 -8.24
C ALA A 50 -1.11 0.73 -6.82
N ILE A 51 -1.40 -0.48 -6.36
CA ILE A 51 -0.99 -0.92 -5.04
C ILE A 51 -0.55 -2.37 -5.11
N THR A 52 0.66 -2.64 -4.65
CA THR A 52 1.17 -4.00 -4.68
C THR A 52 0.50 -4.86 -3.62
N TRP A 53 0.71 -6.17 -3.74
CA TRP A 53 0.21 -7.11 -2.74
C TRP A 53 0.74 -6.74 -1.36
N GLY A 54 2.00 -6.32 -1.28
CA GLY A 54 2.61 -5.91 -0.04
C GLY A 54 2.17 -4.55 0.47
N GLY A 55 1.41 -3.79 -0.32
CA GLY A 55 0.84 -2.53 0.15
C GLY A 55 1.55 -1.27 -0.29
N LEU A 56 2.58 -1.38 -1.13
CA LEU A 56 3.21 -0.19 -1.70
C LEU A 56 2.29 0.46 -2.72
N THR A 57 2.13 1.78 -2.62
CA THR A 57 1.31 2.52 -3.58
C THR A 57 2.18 3.41 -4.46
N TYR A 58 1.71 3.67 -5.69
CA TYR A 58 2.32 4.68 -6.55
C TYR A 58 1.25 5.25 -7.46
N TYR A 59 1.49 6.50 -7.91
CA TYR A 59 0.45 7.34 -8.49
C TYR A 59 0.97 8.05 -9.74
N ALA A 60 0.05 8.40 -10.61
CA ALA A 60 0.39 9.31 -11.68
C ALA A 60 0.67 10.69 -11.10
N ASP A 61 1.64 11.41 -11.70
CA ASP A 61 2.03 12.70 -11.14
C ASP A 61 0.82 13.62 -11.01
N SER A 62 -0.14 13.52 -11.93
CA SER A 62 -1.26 14.46 -11.98
C SER A 62 -2.25 14.27 -10.83
N VAL A 63 -2.24 13.12 -10.16
CA VAL A 63 -3.21 12.84 -9.11
C VAL A 63 -2.56 12.70 -7.74
N LYS A 64 -1.24 12.68 -7.67
CA LYS A 64 -0.53 12.56 -6.39
C LYS A 64 -0.97 13.64 -5.42
N GLY A 65 -1.26 13.25 -4.19
CA GLY A 65 -1.74 14.19 -3.20
C GLY A 65 -3.24 14.41 -3.19
N ARG A 66 -3.96 13.93 -4.21
CA ARG A 66 -5.41 14.06 -4.31
C ARG A 66 -6.14 12.73 -4.27
N PHE A 67 -5.57 11.70 -4.87
CA PHE A 67 -6.18 10.38 -4.92
C PHE A 67 -5.46 9.46 -3.94
N THR A 68 -6.19 8.49 -3.39
CA THR A 68 -5.59 7.45 -2.57
C THR A 68 -6.10 6.10 -3.03
N VAL A 69 -5.18 5.18 -3.34
CA VAL A 69 -5.52 3.81 -3.66
C VAL A 69 -5.28 2.94 -2.42
N SER A 70 -6.20 2.02 -2.16
CA SER A 70 -6.09 1.10 -1.05
C SER A 70 -6.66 -0.25 -1.47
N ARG A 71 -6.51 -1.24 -0.61
CA ARG A 71 -6.90 -2.57 -1.03
C ARG A 71 -7.17 -3.44 0.18
N ASP A 72 -8.14 -4.34 0.02
CA ASP A 72 -8.44 -5.39 1.00
C ASP A 72 -8.01 -6.71 0.38
N ASN A 73 -6.83 -7.21 0.79
CA ASN A 73 -6.28 -8.40 0.13
C ASN A 73 -7.19 -9.60 0.28
N ALA A 74 -7.85 -9.73 1.44
CA ALA A 74 -8.71 -10.88 1.69
C ALA A 74 -9.96 -10.88 0.81
N LYS A 75 -10.52 -9.70 0.53
CA LYS A 75 -11.70 -9.55 -0.30
C LYS A 75 -11.39 -9.43 -1.79
N ASN A 76 -10.12 -9.38 -2.18
CA ASN A 76 -9.74 -9.22 -3.58
C ASN A 76 -10.38 -7.96 -4.17
N THR A 77 -10.38 -6.89 -3.39
CA THR A 77 -11.01 -5.63 -3.81
C THR A 77 -10.02 -4.48 -3.67
N VAL A 78 -10.03 -3.59 -4.66
CA VAL A 78 -9.20 -2.40 -4.67
C VAL A 78 -10.10 -1.18 -4.77
N TYR A 79 -9.64 -0.06 -4.19
CA TYR A 79 -10.42 1.15 -4.04
C TYR A 79 -9.60 2.34 -4.50
N LEU A 80 -10.29 3.35 -5.01
CA LEU A 80 -9.66 4.63 -5.37
C LEU A 80 -10.49 5.74 -4.76
N GLN A 81 -9.98 6.33 -3.69
CA GLN A 81 -10.57 7.53 -3.10
C GLN A 81 -10.08 8.74 -3.87
N MET A 82 -11.00 9.47 -4.50
CA MET A 82 -10.67 10.57 -5.38
C MET A 82 -11.11 11.87 -4.73
N ASN A 83 -10.16 12.67 -4.25
CA ASN A 83 -10.49 13.94 -3.62
C ASN A 83 -10.04 15.12 -4.48
N SER A 84 -10.61 16.28 -4.18
CA SER A 84 -10.26 17.52 -4.85
C SER A 84 -10.35 17.39 -6.36
N LEU A 85 -11.47 16.88 -6.84
CA LEU A 85 -11.61 16.55 -8.25
C LEU A 85 -11.60 17.79 -9.12
N LYS A 86 -11.01 17.66 -10.31
CA LYS A 86 -10.90 18.71 -11.30
C LYS A 86 -11.56 18.29 -12.60
N PRO A 87 -12.01 19.25 -13.41
CA PRO A 87 -12.59 18.89 -14.72
C PRO A 87 -11.69 18.01 -15.57
N GLU A 88 -10.37 18.27 -15.55
CA GLU A 88 -9.37 17.42 -16.17
C GLU A 88 -9.41 15.96 -15.70
N ASP A 89 -10.07 15.66 -14.57
CA ASP A 89 -10.18 14.28 -14.13
C ASP A 89 -11.30 13.52 -14.84
N THR A 90 -12.09 14.20 -15.68
CA THR A 90 -13.20 13.54 -16.34
C THR A 90 -12.69 12.48 -17.31
N ALA A 91 -13.21 11.25 -17.19
CA ALA A 91 -12.74 10.13 -17.99
C ALA A 91 -13.51 8.89 -17.60
N VAL A 92 -13.36 7.83 -18.39
CA VAL A 92 -13.78 6.49 -17.96
C VAL A 92 -12.64 5.90 -17.14
N TYR A 93 -12.95 5.39 -15.95
CA TYR A 93 -11.93 4.81 -15.09
C TYR A 93 -12.04 3.29 -15.12
N TYR A 94 -10.89 2.62 -15.22
CA TYR A 94 -10.82 1.17 -15.29
C TYR A 94 -9.93 0.64 -14.18
N CYS A 95 -10.40 -0.38 -13.49
CA CYS A 95 -9.43 -1.10 -12.69
C CYS A 95 -8.75 -2.15 -13.57
N SER A 96 -7.60 -2.63 -13.11
CA SER A 96 -6.78 -3.49 -13.95
C SER A 96 -5.88 -4.38 -13.08
N VAL A 97 -5.58 -5.55 -13.61
CA VAL A 97 -4.53 -6.42 -13.09
C VAL A 97 -3.78 -6.96 -14.31
N ASP A 98 -2.47 -7.08 -14.19
CA ASP A 98 -1.68 -7.68 -15.26
C ASP A 98 -2.01 -9.15 -15.39
N GLY A 99 -2.56 -9.56 -16.55
CA GLY A 99 -2.66 -10.97 -16.84
C GLY A 99 -1.36 -11.60 -17.25
N GLY A 100 -0.38 -10.78 -17.64
CA GLY A 100 0.97 -11.21 -17.89
C GLY A 100 1.88 -10.88 -16.73
N THR A 101 3.17 -10.73 -17.04
CA THR A 101 4.17 -10.51 -16.02
C THR A 101 5.12 -9.36 -16.36
N ARG A 102 4.81 -8.53 -17.38
CA ARG A 102 5.76 -7.55 -17.90
C ARG A 102 5.31 -6.10 -17.73
N ALA A 103 4.19 -5.85 -17.06
CA ALA A 103 3.61 -4.50 -17.02
C ALA A 103 3.41 -3.97 -18.44
N ASP A 104 2.92 -4.84 -19.32
CA ASP A 104 2.63 -4.45 -20.70
C ASP A 104 1.12 -4.38 -20.78
N PRO A 105 0.53 -3.19 -20.95
CA PRO A 105 -0.94 -3.09 -20.87
C PRO A 105 -1.68 -3.90 -21.91
N TYR A 106 -1.03 -4.31 -23.00
CA TYR A 106 -1.70 -5.23 -23.90
C TYR A 106 -2.05 -6.55 -23.21
N HIS A 107 -1.42 -6.86 -22.07
CA HIS A 107 -1.68 -8.10 -21.34
C HIS A 107 -2.65 -7.92 -20.18
N TYR A 108 -3.16 -6.71 -19.94
CA TYR A 108 -3.93 -6.48 -18.73
C TYR A 108 -5.34 -7.00 -18.88
N TYR A 109 -5.91 -7.45 -17.77
CA TYR A 109 -7.35 -7.61 -17.61
C TYR A 109 -7.92 -6.28 -17.15
N TRP A 110 -9.10 -5.94 -17.66
CA TRP A 110 -9.74 -4.67 -17.37
C TRP A 110 -11.16 -4.89 -16.88
N GLY A 111 -11.59 -4.04 -15.96
CA GLY A 111 -13.00 -3.91 -15.65
C GLY A 111 -13.75 -3.28 -16.81
N GLN A 112 -15.06 -3.18 -16.62
CA GLN A 112 -15.95 -2.64 -17.65
C GLN A 112 -15.83 -1.13 -17.80
N GLY A 113 -15.29 -0.44 -16.80
CA GLY A 113 -15.18 1.00 -16.89
C GLY A 113 -16.30 1.68 -16.11
N THR A 114 -16.00 2.82 -15.50
CA THR A 114 -17.02 3.58 -14.79
C THR A 114 -16.78 5.05 -15.10
N GLN A 115 -17.83 5.73 -15.54
CA GLN A 115 -17.68 7.12 -15.96
C GLN A 115 -17.54 8.04 -14.76
N VAL A 116 -16.57 8.94 -14.82
CA VAL A 116 -16.42 10.02 -13.84
C VAL A 116 -16.46 11.34 -14.60
N THR A 117 -17.39 12.22 -14.23
CA THR A 117 -17.51 13.52 -14.85
C THR A 117 -17.46 14.60 -13.79
N VAL A 118 -16.56 15.55 -13.94
CA VAL A 118 -16.35 16.63 -12.97
C VAL A 118 -16.71 17.93 -13.65
N SER A 119 -17.80 18.54 -13.22
CA SER A 119 -18.26 19.79 -13.82
C SER A 119 -17.61 20.98 -13.14
N SER A 120 -17.27 22.00 -13.93
CA SER A 120 -16.60 23.19 -13.41
C SER A 120 -17.60 24.30 -13.12
N GLN B 1 16.12 -22.22 15.09
CA GLN B 1 14.97 -22.03 14.21
C GLN B 1 14.76 -20.53 13.92
N VAL B 2 14.16 -20.24 12.75
CA VAL B 2 14.06 -18.86 12.27
C VAL B 2 13.31 -17.99 13.27
N GLN B 3 13.85 -16.79 13.51
CA GLN B 3 13.33 -15.92 14.56
C GLN B 3 13.37 -14.47 14.10
N LEU B 4 12.26 -13.76 14.37
CA LEU B 4 12.19 -12.31 14.27
C LEU B 4 11.69 -11.80 15.61
N GLN B 5 12.38 -10.83 16.19
CA GLN B 5 11.98 -10.33 17.51
C GLN B 5 11.99 -8.80 17.52
N GLU B 6 10.87 -8.19 17.93
CA GLU B 6 10.70 -6.75 17.95
C GLU B 6 10.58 -6.25 19.38
N SER B 7 10.77 -4.96 19.54
CA SER B 7 10.53 -4.32 20.83
C SER B 7 10.48 -2.81 20.61
N GLY B 8 10.10 -2.10 21.67
CA GLY B 8 10.05 -0.64 21.65
C GLY B 8 8.66 -0.05 21.69
N GLY B 9 7.61 -0.87 21.71
CA GLY B 9 6.27 -0.32 21.77
C GLY B 9 6.03 0.38 23.09
N GLY B 10 4.89 1.03 23.20
CA GLY B 10 4.54 1.67 24.45
C GLY B 10 3.27 2.50 24.30
N LEU B 11 2.99 3.26 25.36
CA LEU B 11 1.84 4.15 25.44
C LEU B 11 2.35 5.57 25.61
N VAL B 12 2.01 6.44 24.65
CA VAL B 12 2.47 7.83 24.66
C VAL B 12 1.33 8.77 24.33
N GLN B 13 1.55 10.04 24.63
CA GLN B 13 0.66 11.12 24.25
C GLN B 13 0.88 11.50 22.80
N ALA B 14 -0.21 11.89 22.12
CA ALA B 14 -0.10 12.41 20.77
C ALA B 14 0.98 13.50 20.70
N GLY B 15 1.71 13.51 19.60
CA GLY B 15 2.86 14.36 19.44
C GLY B 15 4.17 13.76 19.91
N GLY B 16 4.12 12.68 20.71
CA GLY B 16 5.32 12.06 21.22
C GLY B 16 6.02 11.18 20.20
N SER B 17 7.08 10.50 20.65
CA SER B 17 7.91 9.66 19.80
C SER B 17 8.14 8.29 20.44
N LEU B 18 8.41 7.32 19.58
CA LEU B 18 8.82 5.98 19.99
C LEU B 18 9.82 5.47 18.96
N ARG B 19 10.50 4.38 19.31
CA ARG B 19 11.43 3.74 18.41
C ARG B 19 11.30 2.23 18.50
N LEU B 20 10.91 1.59 17.40
CA LEU B 20 10.81 0.15 17.34
C LEU B 20 12.10 -0.42 16.77
N SER B 21 12.55 -1.52 17.35
CA SER B 21 13.74 -2.23 16.89
C SER B 21 13.37 -3.67 16.61
N CYS B 22 14.04 -4.28 15.64
CA CYS B 22 13.74 -5.67 15.39
C CYS B 22 15.03 -6.35 14.93
N ALA B 23 15.28 -7.54 15.46
CA ALA B 23 16.48 -8.28 15.12
C ALA B 23 16.10 -9.61 14.50
N ALA B 24 16.79 -9.99 13.44
CA ALA B 24 16.52 -11.22 12.73
C ALA B 24 17.70 -12.17 12.89
N SER B 25 17.41 -13.46 13.00
CA SER B 25 18.47 -14.45 12.99
C SER B 25 19.33 -14.28 11.74
N PRO B 26 20.63 -14.52 11.82
CA PRO B 26 21.48 -14.35 10.63
C PRO B 26 21.12 -15.37 9.56
N GLY B 27 21.11 -14.90 8.32
CA GLY B 27 20.74 -15.77 7.23
C GLY B 27 19.35 -15.51 6.69
N ILE B 28 18.36 -15.40 7.59
CA ILE B 28 17.00 -15.25 7.09
C ILE B 28 16.78 -13.87 6.49
N SER B 29 17.47 -12.84 7.02
CA SER B 29 17.27 -11.48 6.56
C SER B 29 18.34 -11.03 5.58
N ARG B 30 19.39 -11.81 5.41
CA ARG B 30 20.52 -11.35 4.61
C ARG B 30 20.14 -11.35 3.12
N TYR B 31 20.34 -10.20 2.48
CA TYR B 31 19.91 -9.89 1.12
C TYR B 31 18.40 -9.91 0.95
N LYS B 32 17.64 -9.69 2.02
CA LYS B 32 16.18 -9.66 1.95
C LYS B 32 15.68 -8.29 2.38
N THR B 33 14.46 -7.96 1.93
CA THR B 33 13.81 -6.71 2.27
C THR B 33 13.20 -6.82 3.65
N MET B 34 13.52 -5.88 4.55
CA MET B 34 12.87 -5.89 5.85
C MET B 34 12.10 -4.60 6.09
N GLY B 35 11.06 -4.70 6.90
CA GLY B 35 10.16 -3.59 7.06
C GLY B 35 9.22 -3.75 8.22
N TRP B 36 8.16 -2.95 8.18
CA TRP B 36 7.20 -2.77 9.27
C TRP B 36 5.79 -2.74 8.69
N TYR B 37 4.90 -3.52 9.29
CA TYR B 37 3.47 -3.46 9.06
C TYR B 37 2.79 -3.15 10.39
N ARG B 38 1.54 -2.68 10.32
CA ARG B 38 0.78 -2.47 11.54
C ARG B 38 -0.63 -2.97 11.35
N GLN B 39 -1.25 -3.37 12.45
CA GLN B 39 -2.59 -3.93 12.44
C GLN B 39 -3.37 -3.32 13.60
N ALA B 40 -4.38 -2.55 13.27
CA ALA B 40 -5.32 -2.04 14.24
C ALA B 40 -6.38 -3.10 14.52
N PRO B 41 -6.97 -3.10 15.72
CA PRO B 41 -7.99 -4.12 16.02
C PRO B 41 -9.15 -4.00 15.04
N GLY B 42 -9.54 -5.13 14.47
CA GLY B 42 -10.56 -5.18 13.44
C GLY B 42 -10.03 -4.98 12.03
N LYS B 43 -9.00 -4.15 11.86
CA LYS B 43 -8.43 -3.83 10.55
C LYS B 43 -7.57 -5.00 10.04
N GLU B 44 -7.22 -4.92 8.75
CA GLU B 44 -6.24 -5.83 8.17
C GLU B 44 -4.84 -5.23 8.31
N ARG B 45 -3.83 -6.10 8.26
CA ARG B 45 -2.43 -5.68 8.33
C ARG B 45 -2.09 -4.75 7.18
N SER B 46 -1.50 -3.58 7.49
CA SER B 46 -1.17 -2.63 6.43
C SER B 46 0.29 -2.20 6.47
N PHE B 47 0.81 -1.90 5.29
CA PHE B 47 2.20 -1.51 5.09
C PHE B 47 2.52 -0.19 5.79
N VAL B 48 3.68 -0.13 6.44
CA VAL B 48 4.19 1.10 7.06
C VAL B 48 5.44 1.59 6.34
N ALA B 49 6.48 0.75 6.26
CA ALA B 49 7.73 1.11 5.59
C ALA B 49 8.56 -0.14 5.38
N ALA B 50 9.45 -0.10 4.39
CA ALA B 50 10.36 -1.21 4.19
C ALA B 50 11.59 -0.73 3.43
N ILE B 51 12.69 -1.46 3.62
CA ILE B 51 13.99 -1.08 3.08
C ILE B 51 14.68 -2.31 2.50
N THR B 52 15.15 -2.20 1.25
CA THR B 52 15.84 -3.34 0.65
C THR B 52 17.25 -3.45 1.22
N TRP B 53 17.86 -4.60 0.96
CA TRP B 53 19.27 -4.78 1.29
C TRP B 53 20.14 -3.70 0.67
N GLY B 54 19.84 -3.31 -0.57
CA GLY B 54 20.58 -2.23 -1.20
C GLY B 54 20.22 -0.86 -0.72
N GLY B 55 19.18 -0.72 0.11
CA GLY B 55 18.84 0.56 0.72
C GLY B 55 17.66 1.30 0.13
N LEU B 56 17.03 0.82 -0.96
CA LEU B 56 15.80 1.41 -1.45
C LEU B 56 14.72 1.40 -0.37
N THR B 57 14.13 2.58 -0.09
CA THR B 57 13.14 2.69 0.98
C THR B 57 11.87 3.37 0.49
N TYR B 58 10.73 2.85 0.95
CA TYR B 58 9.43 3.45 0.68
C TYR B 58 8.61 3.44 1.97
N TYR B 59 7.70 4.41 2.07
CA TYR B 59 6.83 4.62 3.22
C TYR B 59 5.38 4.65 2.78
N ALA B 60 4.50 4.19 3.65
CA ALA B 60 3.08 4.50 3.50
C ALA B 60 2.89 6.02 3.51
N ASP B 61 2.00 6.51 2.64
CA ASP B 61 1.77 7.95 2.59
C ASP B 61 1.35 8.53 3.94
N SER B 62 0.60 7.76 4.74
CA SER B 62 0.10 8.25 6.03
C SER B 62 1.21 8.54 7.04
N VAL B 63 2.42 8.03 6.85
CA VAL B 63 3.51 8.21 7.80
C VAL B 63 4.67 8.98 7.23
N LYS B 64 4.59 9.42 5.98
CA LYS B 64 5.69 10.16 5.36
C LYS B 64 5.95 11.45 6.10
N GLY B 65 7.22 11.76 6.32
CA GLY B 65 7.60 12.92 7.07
C GLY B 65 7.56 12.75 8.58
N ARG B 66 7.01 11.65 9.07
CA ARG B 66 6.89 11.41 10.51
C ARG B 66 7.70 10.22 10.97
N PHE B 67 7.72 9.13 10.19
CA PHE B 67 8.40 7.90 10.52
C PHE B 67 9.65 7.78 9.67
N THR B 68 10.69 7.13 10.21
CA THR B 68 11.93 6.87 9.50
C THR B 68 12.33 5.40 9.72
N VAL B 69 12.48 4.65 8.64
CA VAL B 69 12.95 3.27 8.71
C VAL B 69 14.45 3.24 8.35
N SER B 70 15.20 2.42 9.07
CA SER B 70 16.64 2.31 8.84
C SER B 70 17.07 0.89 9.14
N ARG B 71 18.26 0.54 8.64
CA ARG B 71 18.74 -0.83 8.71
C ARG B 71 20.22 -0.90 9.01
N ASP B 72 20.61 -1.90 9.78
CA ASP B 72 22.01 -2.29 9.95
C ASP B 72 22.20 -3.67 9.33
N ASN B 73 22.67 -3.70 8.07
CA ASN B 73 22.88 -4.97 7.39
C ASN B 73 23.81 -5.89 8.18
N ALA B 74 24.79 -5.32 8.88
CA ALA B 74 25.73 -6.13 9.64
C ALA B 74 25.05 -6.82 10.81
N LYS B 75 24.29 -6.07 11.61
CA LYS B 75 23.60 -6.64 12.77
C LYS B 75 22.31 -7.36 12.41
N ASN B 76 21.88 -7.34 11.15
CA ASN B 76 20.61 -7.96 10.75
C ASN B 76 19.44 -7.39 11.55
N THR B 77 19.44 -6.08 11.75
CA THR B 77 18.40 -5.38 12.47
C THR B 77 17.78 -4.31 11.59
N VAL B 78 16.53 -3.96 11.91
CA VAL B 78 15.81 -2.87 11.26
C VAL B 78 15.14 -2.06 12.35
N TYR B 79 14.96 -0.77 12.09
CA TYR B 79 14.46 0.18 13.08
C TYR B 79 13.34 1.04 12.48
N LEU B 80 12.43 1.48 13.35
CA LEU B 80 11.40 2.43 12.95
C LEU B 80 11.35 3.56 13.97
N GLN B 81 11.87 4.73 13.59
CA GLN B 81 11.73 5.94 14.41
C GLN B 81 10.36 6.54 14.14
N MET B 82 9.55 6.71 15.17
CA MET B 82 8.21 7.23 15.03
C MET B 82 8.13 8.56 15.77
N ASN B 83 8.06 9.65 15.03
CA ASN B 83 7.88 10.98 15.59
C ASN B 83 6.47 11.49 15.29
N SER B 84 6.07 12.53 16.01
CA SER B 84 4.78 13.22 15.78
C SER B 84 3.62 12.24 15.75
N LEU B 85 3.61 11.33 16.73
CA LEU B 85 2.62 10.27 16.75
C LEU B 85 1.20 10.82 16.91
N LYS B 86 0.24 10.12 16.33
CA LYS B 86 -1.16 10.49 16.31
C LYS B 86 -2.00 9.31 16.76
N PRO B 87 -3.22 9.57 17.24
CA PRO B 87 -4.07 8.46 17.70
C PRO B 87 -4.33 7.43 16.62
N GLU B 88 -4.41 7.84 15.36
CA GLU B 88 -4.59 6.87 14.29
C GLU B 88 -3.37 5.98 14.08
N ASP B 89 -2.23 6.29 14.71
CA ASP B 89 -1.11 5.36 14.68
C ASP B 89 -1.25 4.20 15.66
N THR B 90 -2.30 4.19 16.47
CA THR B 90 -2.49 3.11 17.42
C THR B 90 -2.72 1.79 16.71
N ALA B 91 -1.95 0.77 17.09
CA ALA B 91 -1.96 -0.54 16.42
C ALA B 91 -0.90 -1.46 17.00
N VAL B 92 -0.97 -2.75 16.66
CA VAL B 92 0.14 -3.66 16.87
C VAL B 92 1.06 -3.57 15.66
N TYR B 93 2.35 -3.34 15.91
CA TYR B 93 3.32 -3.18 14.85
C TYR B 93 4.16 -4.44 14.73
N TYR B 94 4.32 -4.92 13.50
CA TYR B 94 5.07 -6.15 13.23
C TYR B 94 6.27 -5.84 12.37
N CYS B 95 7.45 -6.36 12.72
CA CYS B 95 8.52 -6.28 11.73
C CYS B 95 8.36 -7.46 10.79
N SER B 96 8.83 -7.28 9.56
CA SER B 96 8.67 -8.29 8.52
C SER B 96 10.00 -8.46 7.78
N VAL B 97 10.21 -9.68 7.29
CA VAL B 97 11.26 -9.98 6.34
C VAL B 97 10.62 -10.77 5.23
N ASP B 98 10.81 -10.34 3.99
CA ASP B 98 10.31 -11.13 2.87
C ASP B 98 11.39 -12.15 2.52
N GLY B 99 11.20 -13.39 2.99
CA GLY B 99 12.12 -14.47 2.66
C GLY B 99 11.98 -15.02 1.26
N GLY B 100 11.03 -14.53 0.47
CA GLY B 100 10.88 -15.00 -0.89
C GLY B 100 12.00 -14.50 -1.78
N THR B 101 11.90 -14.89 -3.04
CA THR B 101 12.79 -14.42 -4.09
C THR B 101 12.04 -13.42 -4.98
N ARG B 102 12.77 -12.82 -5.92
CA ARG B 102 12.11 -11.94 -6.88
C ARG B 102 11.11 -12.73 -7.73
N ALA B 103 11.45 -13.96 -8.09
CA ALA B 103 10.53 -14.78 -8.87
C ALA B 103 9.35 -15.26 -8.03
N ASP B 104 9.56 -15.52 -6.74
CA ASP B 104 8.54 -16.06 -5.86
C ASP B 104 8.51 -15.18 -4.60
N PRO B 105 7.81 -14.05 -4.67
CA PRO B 105 7.88 -13.04 -3.61
C PRO B 105 6.82 -13.25 -2.55
N TYR B 106 6.89 -12.40 -1.51
CA TYR B 106 5.87 -12.27 -0.47
C TYR B 106 5.74 -13.52 0.40
N HIS B 107 6.88 -14.15 0.69
CA HIS B 107 6.95 -15.23 1.69
C HIS B 107 7.52 -14.62 2.96
N TYR B 108 6.64 -14.00 3.75
CA TYR B 108 7.07 -13.19 4.87
C TYR B 108 7.35 -14.00 6.13
N TYR B 109 8.39 -13.58 6.85
CA TYR B 109 8.55 -13.87 8.27
C TYR B 109 7.99 -12.68 9.05
N TRP B 110 7.31 -12.96 10.16
CA TRP B 110 6.69 -11.93 10.97
C TRP B 110 7.23 -11.97 12.40
N GLY B 111 7.45 -10.80 12.98
CA GLY B 111 7.73 -10.73 14.40
C GLY B 111 6.49 -11.03 15.21
N GLN B 112 6.64 -11.03 16.54
CA GLN B 112 5.47 -11.33 17.34
C GLN B 112 4.57 -10.13 17.54
N GLY B 113 5.04 -8.93 17.22
CA GLY B 113 4.19 -7.76 17.32
C GLY B 113 4.42 -7.01 18.62
N THR B 114 4.39 -5.69 18.55
CA THR B 114 4.58 -4.83 19.71
C THR B 114 3.49 -3.76 19.67
N GLN B 115 2.84 -3.54 20.80
CA GLN B 115 1.70 -2.63 20.86
C GLN B 115 2.17 -1.19 20.92
N VAL B 116 1.54 -0.34 20.11
CA VAL B 116 1.74 1.11 20.13
C VAL B 116 0.39 1.74 20.37
N THR B 117 0.27 2.50 21.46
CA THR B 117 -0.98 3.19 21.78
C THR B 117 -0.69 4.67 21.98
N VAL B 118 -1.39 5.50 21.22
CA VAL B 118 -1.18 6.94 21.23
C VAL B 118 -2.47 7.57 21.75
N SER B 119 -2.41 8.16 22.92
CA SER B 119 -3.60 8.74 23.52
C SER B 119 -3.83 10.15 22.99
N SER B 120 -5.09 10.58 23.05
CA SER B 120 -5.45 11.91 22.56
C SER B 120 -4.99 13.01 23.51
#